data_2WZW
#
_entry.id   2WZW
#
_cell.length_a   85.550
_cell.length_b   115.610
_cell.length_c   119.580
_cell.angle_alpha   90.00
_cell.angle_beta   90.00
_cell.angle_gamma   90.00
#
_symmetry.space_group_name_H-M   'I 21 21 21'
#
loop_
_entity.id
_entity.type
_entity.pdbx_description
1 polymer 'NFNB PROTEIN'
2 non-polymer 'FLAVIN MONONUCLEOTIDE'
3 non-polymer 'NADPH DIHYDRO-NICOTINAMIDE-ADENINE-DINUCLEOTIDE PHOSPHATE'
4 non-polymer 'PHOSPHATE ION'
5 water water
#
_entity_poly.entity_id   1
_entity_poly.type   'polypeptide(L)'
_entity_poly.pdbx_seq_one_letter_code
;G(MSE)SVPTLPTGPTVDLAQAAERLIKGRRAVRAFRPDEVPEET(MSE)RAVFELAGHAPSNSNTQPWHVEVVSGAARD
RLAEALVTAHAEERVTVDFPYREGLFQGVLQERRADFGSRLYAALGIARDQTDLLQGYNTESLRFYGAPHVA(MSE)LFA
PNNTEARIAGD(MSE)GIYAQTL(MSE)LA(MSE)TAHGIASCPQALLSFYADTVRAELGVENRKLL(MSE)GISFGYAD
DTAAVNGVRIPRAGLSETTRFSR
;
_entity_poly.pdbx_strand_id   A,B
#
loop_
_chem_comp.id
_chem_comp.type
_chem_comp.name
_chem_comp.formula
FMN non-polymer 'FLAVIN MONONUCLEOTIDE' 'C17 H21 N4 O9 P'
NDP non-polymer 'NADPH DIHYDRO-NICOTINAMIDE-ADENINE-DINUCLEOTIDE PHOSPHATE' 'C21 H30 N7 O17 P3'
PO4 non-polymer 'PHOSPHATE ION' 'O4 P -3'
#
# COMPACT_ATOMS: atom_id res chain seq x y z
N ASP A 14 17.11 -8.46 -16.46
CA ASP A 14 17.00 -7.00 -16.33
C ASP A 14 16.01 -6.59 -15.23
N LEU A 15 15.93 -5.28 -14.96
CA LEU A 15 15.05 -4.74 -13.92
C LEU A 15 13.55 -5.02 -14.15
N ALA A 16 13.11 -4.99 -15.40
CA ALA A 16 11.70 -5.29 -15.76
C ALA A 16 11.33 -6.72 -15.35
N GLN A 17 12.22 -7.70 -15.66
CA GLN A 17 12.03 -9.11 -15.31
C GLN A 17 12.08 -9.33 -13.80
N ALA A 18 13.04 -8.66 -13.11
CA ALA A 18 13.16 -8.76 -11.67
C ALA A 18 11.88 -8.25 -10.97
N ALA A 19 11.27 -7.12 -11.44
CA ALA A 19 10.02 -6.59 -10.89
C ALA A 19 8.87 -7.60 -11.08
N GLU A 20 8.80 -8.25 -12.27
CA GLU A 20 7.78 -9.27 -12.56
CA GLU A 20 7.78 -9.26 -12.55
C GLU A 20 7.95 -10.42 -11.56
N ARG A 21 9.22 -10.90 -11.37
CA ARG A 21 9.51 -12.00 -10.45
CA ARG A 21 9.55 -12.00 -10.44
C ARG A 21 9.13 -11.68 -9.00
N LEU A 22 9.35 -10.42 -8.56
CA LEU A 22 9.01 -10.02 -7.18
C LEU A 22 7.51 -9.91 -6.98
N ILE A 23 6.83 -9.13 -7.84
CA ILE A 23 5.41 -8.83 -7.72
C ILE A 23 4.54 -10.08 -7.93
N LYS A 24 4.89 -10.89 -8.94
CA LYS A 24 4.16 -12.12 -9.20
C LYS A 24 4.57 -13.27 -8.28
N GLY A 25 5.84 -13.27 -7.84
CA GLY A 25 6.40 -14.30 -6.97
C GLY A 25 5.88 -14.26 -5.55
N ARG A 26 5.54 -13.05 -5.04
CA ARG A 26 4.98 -12.89 -3.70
C ARG A 26 3.57 -13.51 -3.69
N ARG A 27 3.30 -14.37 -2.72
CA ARG A 27 2.01 -15.04 -2.51
CA ARG A 27 2.00 -15.00 -2.52
C ARG A 27 1.72 -15.13 -1.03
N ALA A 28 0.45 -15.29 -0.64
CA ALA A 28 0.07 -15.44 0.76
C ALA A 28 0.40 -16.89 1.11
N VAL A 29 1.46 -17.07 1.92
CA VAL A 29 1.96 -18.39 2.33
C VAL A 29 1.36 -18.75 3.69
N ARG A 30 0.75 -19.93 3.78
CA ARG A 30 0.02 -20.37 4.98
C ARG A 30 0.55 -21.64 5.67
N ALA A 31 1.84 -21.92 5.49
CA ALA A 31 2.57 -23.02 6.14
C ALA A 31 4.04 -22.74 6.01
N PHE A 32 4.73 -22.68 7.15
CA PHE A 32 6.14 -22.30 7.23
C PHE A 32 7.03 -23.35 7.88
N ARG A 33 8.32 -23.31 7.51
CA ARG A 33 9.36 -24.11 8.14
C ARG A 33 9.71 -23.40 9.47
N PRO A 34 10.36 -24.07 10.45
CA PRO A 34 10.68 -23.37 11.72
C PRO A 34 11.92 -22.46 11.65
N ASP A 35 12.76 -22.58 10.60
CA ASP A 35 14.01 -21.82 10.42
C ASP A 35 13.83 -20.30 10.53
N GLU A 36 14.65 -19.63 11.35
CA GLU A 36 14.54 -18.19 11.54
C GLU A 36 15.24 -17.42 10.44
N VAL A 37 14.76 -16.22 10.17
CA VAL A 37 15.39 -15.30 9.22
C VAL A 37 16.65 -14.74 9.94
N PRO A 38 17.86 -14.74 9.32
CA PRO A 38 19.05 -14.19 9.99
C PRO A 38 18.83 -12.72 10.39
N GLU A 39 19.32 -12.34 11.58
CA GLU A 39 19.14 -10.98 12.12
C GLU A 39 19.54 -9.88 11.14
N GLU A 40 20.70 -10.01 10.48
CA GLU A 40 21.16 -9.00 9.52
C GLU A 40 20.24 -8.86 8.32
N THR A 41 19.64 -9.98 7.87
CA THR A 41 18.68 -9.95 6.77
C THR A 41 17.39 -9.27 7.24
N MSE A 42 16.94 -9.56 8.48
CA MSE A 42 15.73 -8.94 9.00
C MSE A 42 15.91 -7.43 9.09
O MSE A 42 15.05 -6.69 8.67
CB MSE A 42 15.38 -9.50 10.37
CG MSE A 42 13.88 -9.58 10.64
SE MSE A 42 13.41 -10.96 11.96
CE MSE A 42 15.15 -11.57 12.64
N ARG A 43 17.07 -6.95 9.61
CA ARG A 43 17.33 -5.51 9.73
C ARG A 43 17.34 -4.83 8.34
N ALA A 44 17.96 -5.46 7.33
CA ALA A 44 18.05 -4.94 5.95
C ALA A 44 16.65 -4.81 5.33
N VAL A 45 15.78 -5.84 5.54
CA VAL A 45 14.43 -5.85 5.00
C VAL A 45 13.55 -4.73 5.60
N PHE A 46 13.58 -4.59 6.93
CA PHE A 46 12.81 -3.56 7.63
C PHE A 46 13.32 -2.14 7.36
N GLU A 47 14.65 -1.98 7.14
CA GLU A 47 15.22 -0.66 6.81
CA GLU A 47 15.29 -0.69 6.79
C GLU A 47 14.80 -0.31 5.39
N LEU A 48 14.84 -1.27 4.47
CA LEU A 48 14.41 -1.04 3.08
C LEU A 48 12.93 -0.65 3.01
N ALA A 49 12.05 -1.35 3.78
CA ALA A 49 10.61 -1.07 3.81
C ALA A 49 10.30 0.38 4.19
N GLY A 50 11.15 0.98 5.04
CA GLY A 50 11.00 2.37 5.48
C GLY A 50 11.06 3.36 4.34
N HIS A 51 11.62 2.96 3.16
CA HIS A 51 11.67 3.81 1.98
C HIS A 51 10.33 3.95 1.23
N ALA A 52 9.27 3.35 1.78
CA ALA A 52 7.92 3.54 1.26
C ALA A 52 7.58 5.07 1.30
N PRO A 53 6.90 5.60 0.25
CA PRO A 53 6.45 7.00 0.31
C PRO A 53 5.19 7.11 1.19
N SER A 54 4.81 8.35 1.52
CA SER A 54 3.64 8.62 2.36
C SER A 54 3.27 10.08 2.20
N ASN A 55 2.02 10.43 2.54
CA ASN A 55 1.53 11.83 2.47
C ASN A 55 2.47 12.70 3.30
N SER A 56 3.08 13.73 2.68
CA SER A 56 3.98 14.69 3.34
C SER A 56 5.18 14.03 4.06
N ASN A 57 5.59 12.81 3.61
CA ASN A 57 6.67 12.03 4.24
C ASN A 57 6.42 11.78 5.74
N THR A 58 5.13 11.67 6.13
CA THR A 58 4.74 11.46 7.53
C THR A 58 5.16 10.11 8.07
N GLN A 59 5.31 9.06 7.20
CA GLN A 59 5.76 7.71 7.62
C GLN A 59 4.98 7.25 8.86
N PRO A 60 3.63 7.15 8.78
CA PRO A 60 2.84 6.92 10.02
C PRO A 60 2.97 5.56 10.69
N TRP A 61 3.66 4.64 10.04
CA TRP A 61 3.83 3.26 10.52
C TRP A 61 4.70 3.09 11.76
N HIS A 62 4.25 2.20 12.66
CA HIS A 62 4.99 1.74 13.82
C HIS A 62 4.92 0.21 13.76
N VAL A 63 6.07 -0.45 13.66
CA VAL A 63 6.09 -1.88 13.42
C VAL A 63 6.72 -2.66 14.56
N GLU A 64 5.99 -3.65 15.11
CA GLU A 64 6.49 -4.52 16.18
C GLU A 64 6.80 -5.91 15.61
N VAL A 65 8.08 -6.26 15.54
CA VAL A 65 8.53 -7.56 15.03
C VAL A 65 8.75 -8.48 16.22
N VAL A 66 8.08 -9.64 16.21
CA VAL A 66 8.12 -10.58 17.34
C VAL A 66 8.65 -11.94 16.90
N SER A 67 9.60 -12.48 17.66
CA SER A 67 10.27 -13.77 17.41
C SER A 67 10.47 -14.58 18.71
N GLY A 68 10.95 -15.82 18.57
CA GLY A 68 11.29 -16.68 19.70
C GLY A 68 10.21 -16.89 20.74
N ALA A 69 10.60 -16.90 22.03
CA ALA A 69 9.69 -17.10 23.17
C ALA A 69 8.57 -16.05 23.22
N ALA A 70 8.89 -14.79 22.89
CA ALA A 70 7.89 -13.71 22.86
C ALA A 70 6.80 -13.98 21.81
N ARG A 71 7.22 -14.52 20.63
CA ARG A 71 6.28 -14.89 19.56
C ARG A 71 5.40 -16.06 20.05
N ASP A 72 5.99 -17.04 20.77
CA ASP A 72 5.23 -18.17 21.32
C ASP A 72 4.16 -17.72 22.32
N ARG A 73 4.55 -16.82 23.28
CA ARG A 73 3.64 -16.27 24.29
CA ARG A 73 3.64 -16.29 24.29
C ARG A 73 2.50 -15.50 23.61
N LEU A 74 2.83 -14.72 22.57
CA LEU A 74 1.86 -13.94 21.81
C LEU A 74 0.85 -14.86 21.09
N ALA A 75 1.35 -15.91 20.41
CA ALA A 75 0.49 -16.89 19.71
C ALA A 75 -0.48 -17.57 20.72
N GLU A 76 0.05 -18.00 21.88
CA GLU A 76 -0.81 -18.62 22.89
C GLU A 76 -1.85 -17.68 23.47
N ALA A 77 -1.51 -16.38 23.65
CA ALA A 77 -2.45 -15.36 24.13
C ALA A 77 -3.58 -15.13 23.10
N LEU A 78 -3.23 -15.15 21.80
CA LEU A 78 -4.22 -15.00 20.73
C LEU A 78 -5.18 -16.20 20.69
N VAL A 79 -4.62 -17.44 20.80
CA VAL A 79 -5.40 -18.70 20.83
C VAL A 79 -6.42 -18.67 22.00
N THR A 80 -5.97 -18.22 23.18
CA THR A 80 -6.79 -18.09 24.39
C THR A 80 -7.90 -17.03 24.20
N ALA A 81 -7.56 -15.84 23.63
CA ALA A 81 -8.53 -14.76 23.38
C ALA A 81 -9.65 -15.22 22.44
N HIS A 82 -9.27 -15.93 21.35
CA HIS A 82 -10.21 -16.48 20.38
C HIS A 82 -11.12 -17.52 21.04
N ALA A 83 -10.55 -18.47 21.84
CA ALA A 83 -11.29 -19.52 22.52
C ALA A 83 -12.30 -18.97 23.54
N GLU A 84 -11.99 -17.78 24.10
CA GLU A 84 -12.82 -17.08 25.08
C GLU A 84 -13.73 -16.02 24.44
N GLU A 85 -13.70 -15.90 23.10
CA GLU A 85 -14.50 -14.96 22.29
C GLU A 85 -14.22 -13.48 22.67
N ARG A 86 -12.98 -13.19 23.05
CA ARG A 86 -12.60 -11.84 23.43
C ARG A 86 -12.09 -11.07 22.20
N VAL A 87 -12.99 -10.83 21.24
CA VAL A 87 -12.69 -10.09 20.02
C VAL A 87 -12.62 -8.59 20.39
N THR A 88 -11.52 -7.93 20.00
CA THR A 88 -11.29 -6.49 20.22
C THR A 88 -10.77 -5.97 18.90
N VAL A 89 -11.55 -5.10 18.25
CA VAL A 89 -11.21 -4.59 16.94
CA VAL A 89 -11.23 -4.57 16.91
C VAL A 89 -11.10 -3.06 16.94
N ASP A 90 -10.07 -2.53 16.26
CA ASP A 90 -9.84 -1.09 16.18
C ASP A 90 -10.47 -0.54 14.92
N PHE A 91 -10.48 -1.35 13.85
CA PHE A 91 -11.03 -0.97 12.54
C PHE A 91 -12.15 -1.97 12.21
N PRO A 92 -13.43 -1.57 12.29
CA PRO A 92 -14.54 -2.52 12.01
C PRO A 92 -14.47 -3.24 10.66
N TYR A 93 -14.97 -4.48 10.60
CA TYR A 93 -15.00 -5.33 9.39
C TYR A 93 -16.39 -5.94 9.34
N ARG A 94 -17.40 -5.10 9.08
CA ARG A 94 -18.81 -5.49 9.04
C ARG A 94 -19.17 -6.33 7.83
N GLU A 95 -20.08 -7.31 8.02
CA GLU A 95 -20.56 -8.13 6.91
C GLU A 95 -21.35 -7.18 5.98
N GLY A 96 -21.14 -7.31 4.68
CA GLY A 96 -21.77 -6.44 3.71
C GLY A 96 -20.85 -5.32 3.24
N LEU A 97 -19.61 -5.28 3.79
CA LEU A 97 -18.58 -4.32 3.37
C LEU A 97 -18.32 -4.51 1.87
N PHE A 98 -18.32 -5.78 1.41
CA PHE A 98 -18.11 -6.11 -0.01
C PHE A 98 -19.40 -6.51 -0.68
N GLN A 99 -19.69 -5.84 -1.80
CA GLN A 99 -20.91 -6.07 -2.58
C GLN A 99 -20.52 -6.27 -4.05
N GLY A 100 -21.49 -6.66 -4.88
CA GLY A 100 -21.31 -6.86 -6.32
C GLY A 100 -20.13 -7.74 -6.67
N VAL A 101 -19.28 -7.28 -7.60
CA VAL A 101 -18.10 -8.02 -8.04
C VAL A 101 -17.07 -8.24 -6.92
N LEU A 102 -16.93 -7.29 -5.98
CA LEU A 102 -16.00 -7.45 -4.85
C LEU A 102 -16.38 -8.66 -4.01
N GLN A 103 -17.68 -8.84 -3.72
CA GLN A 103 -18.16 -9.99 -2.96
C GLN A 103 -17.89 -11.30 -3.72
N GLU A 104 -18.09 -11.29 -5.06
CA GLU A 104 -17.85 -12.52 -5.82
C GLU A 104 -16.35 -12.89 -5.87
N ARG A 105 -15.45 -11.88 -5.93
CA ARG A 105 -14.00 -12.14 -5.89
C ARG A 105 -13.64 -12.77 -4.53
N ARG A 106 -14.25 -12.27 -3.44
CA ARG A 106 -14.06 -12.79 -2.08
C ARG A 106 -14.54 -14.27 -2.00
N ALA A 107 -15.73 -14.56 -2.53
CA ALA A 107 -16.30 -15.92 -2.53
C ALA A 107 -15.42 -16.88 -3.35
N ASP A 108 -14.95 -16.41 -4.52
CA ASP A 108 -14.09 -17.17 -5.45
C ASP A 108 -12.74 -17.52 -4.78
N PHE A 109 -12.14 -16.53 -4.08
CA PHE A 109 -10.89 -16.75 -3.33
C PHE A 109 -11.13 -17.85 -2.25
N GLY A 110 -12.19 -17.70 -1.46
CA GLY A 110 -12.53 -18.61 -0.37
C GLY A 110 -12.69 -20.04 -0.87
N SER A 111 -13.40 -20.18 -2.02
CA SER A 111 -13.64 -21.48 -2.64
CA SER A 111 -13.64 -21.48 -2.66
C SER A 111 -12.31 -22.15 -3.02
N ARG A 112 -11.36 -21.37 -3.52
CA ARG A 112 -10.02 -21.85 -3.89
C ARG A 112 -9.20 -22.20 -2.65
N LEU A 113 -9.17 -21.31 -1.63
CA LEU A 113 -8.43 -21.57 -0.40
C LEU A 113 -8.96 -22.80 0.36
N TYR A 114 -10.29 -22.85 0.62
CA TYR A 114 -10.87 -23.97 1.36
C TYR A 114 -10.84 -25.31 0.66
N ALA A 115 -10.79 -25.29 -0.70
CA ALA A 115 -10.62 -26.50 -1.49
C ALA A 115 -9.19 -27.05 -1.28
N ALA A 116 -8.16 -26.16 -1.31
CA ALA A 116 -6.75 -26.53 -1.07
C ALA A 116 -6.54 -27.09 0.35
N LEU A 117 -7.28 -26.54 1.34
CA LEU A 117 -7.22 -26.97 2.74
C LEU A 117 -8.00 -28.26 2.97
N GLY A 118 -8.92 -28.57 2.06
CA GLY A 118 -9.78 -29.76 2.18
C GLY A 118 -10.82 -29.58 3.26
N ILE A 119 -11.35 -28.35 3.41
CA ILE A 119 -12.37 -28.02 4.41
C ILE A 119 -13.67 -27.61 3.73
N ALA A 120 -14.76 -28.38 3.99
CA ALA A 120 -16.08 -28.08 3.44
C ALA A 120 -16.77 -26.99 4.27
N ARG A 121 -17.80 -26.33 3.71
CA ARG A 121 -18.57 -25.26 4.35
C ARG A 121 -19.23 -25.63 5.70
N ASP A 122 -19.68 -26.89 5.85
CA ASP A 122 -20.35 -27.40 7.05
C ASP A 122 -19.43 -27.92 8.17
N GLN A 123 -18.11 -27.92 7.94
CA GLN A 123 -17.12 -28.46 8.88
C GLN A 123 -16.62 -27.46 9.93
N THR A 124 -17.47 -27.17 10.93
CA THR A 124 -17.18 -26.23 12.03
C THR A 124 -15.93 -26.56 12.85
N ASP A 125 -15.70 -27.85 13.19
CA ASP A 125 -14.54 -28.29 13.96
C ASP A 125 -13.22 -28.11 13.18
N LEU A 126 -13.23 -28.38 11.86
CA LEU A 126 -12.07 -28.21 10.98
C LEU A 126 -11.78 -26.73 10.74
N LEU A 127 -12.83 -25.91 10.58
CA LEU A 127 -12.70 -24.46 10.40
C LEU A 127 -12.11 -23.83 11.67
N GLN A 128 -12.48 -24.35 12.86
CA GLN A 128 -11.97 -23.89 14.15
C GLN A 128 -10.49 -24.22 14.30
N GLY A 129 -10.09 -25.45 13.92
CA GLY A 129 -8.70 -25.90 13.93
C GLY A 129 -7.84 -25.08 12.99
N TYR A 130 -8.38 -24.75 11.81
CA TYR A 130 -7.66 -23.92 10.84
C TYR A 130 -7.43 -22.49 11.38
N ASN A 131 -8.47 -21.89 12.00
CA ASN A 131 -8.38 -20.55 12.59
C ASN A 131 -7.41 -20.49 13.76
N THR A 132 -7.27 -21.59 14.53
CA THR A 132 -6.33 -21.71 15.65
C THR A 132 -4.88 -21.67 15.10
N GLU A 133 -4.62 -22.43 14.01
CA GLU A 133 -3.32 -22.45 13.33
C GLU A 133 -2.97 -21.06 12.74
N SER A 134 -3.99 -20.33 12.24
CA SER A 134 -3.79 -18.97 11.70
C SER A 134 -3.37 -18.01 12.82
N LEU A 135 -3.89 -18.21 14.05
CA LEU A 135 -3.53 -17.37 15.21
C LEU A 135 -2.15 -17.72 15.77
N ARG A 136 -1.61 -18.89 15.33
CA ARG A 136 -0.27 -19.40 15.63
C ARG A 136 0.66 -19.03 14.46
N PHE A 137 0.22 -18.02 13.66
CA PHE A 137 0.95 -17.43 12.53
C PHE A 137 1.35 -18.47 11.48
N TYR A 138 0.54 -19.54 11.32
CA TYR A 138 0.80 -20.64 10.39
C TYR A 138 2.17 -21.32 10.64
N GLY A 139 2.65 -21.25 11.88
CA GLY A 139 3.93 -21.82 12.28
C GLY A 139 5.12 -20.95 11.90
N ALA A 140 4.86 -19.71 11.43
CA ALA A 140 5.94 -18.79 11.03
C ALA A 140 6.80 -18.43 12.26
N PRO A 141 8.14 -18.36 12.12
CA PRO A 141 8.98 -18.01 13.28
C PRO A 141 8.88 -16.54 13.67
N HIS A 142 8.33 -15.69 12.78
CA HIS A 142 8.24 -14.26 13.06
C HIS A 142 6.89 -13.69 12.66
N VAL A 143 6.51 -12.61 13.33
CA VAL A 143 5.30 -11.86 12.95
C VAL A 143 5.59 -10.35 13.09
N ALA A 144 5.18 -9.55 12.11
CA ALA A 144 5.31 -8.10 12.18
C ALA A 144 3.89 -7.53 12.39
N MSE A 145 3.67 -6.83 13.53
CA MSE A 145 2.37 -6.22 13.82
C MSE A 145 2.44 -4.75 13.35
O MSE A 145 3.33 -4.02 13.76
CB MSE A 145 2.05 -6.31 15.32
CG MSE A 145 1.89 -7.75 15.78
SE MSE A 145 0.29 -8.52 15.03
CE MSE A 145 0.31 -10.21 16.10
N LEU A 146 1.55 -4.37 12.41
CA LEU A 146 1.50 -3.02 11.81
C LEU A 146 0.54 -2.12 12.55
N PHE A 147 1.11 -1.23 13.40
CA PHE A 147 0.37 -0.26 14.19
C PHE A 147 0.31 1.09 13.49
N ALA A 148 -0.86 1.69 13.56
CA ALA A 148 -1.19 2.96 12.93
C ALA A 148 -1.61 3.99 14.00
N PRO A 149 -1.58 5.31 13.68
CA PRO A 149 -2.03 6.29 14.66
C PRO A 149 -3.48 6.08 15.15
N ASN A 150 -3.78 6.58 16.34
CA ASN A 150 -5.13 6.50 16.92
C ASN A 150 -6.21 7.10 16.04
N ASN A 151 -5.90 8.18 15.31
CA ASN A 151 -6.88 8.85 14.46
CA ASN A 151 -6.86 8.88 14.45
C ASN A 151 -6.83 8.43 12.98
N THR A 152 -6.27 7.22 12.69
CA THR A 152 -6.19 6.72 11.31
C THR A 152 -7.57 6.73 10.61
N GLU A 153 -7.58 7.28 9.39
CA GLU A 153 -8.73 7.30 8.49
C GLU A 153 -8.22 6.77 7.13
N ALA A 154 -8.97 6.98 6.04
CA ALA A 154 -8.59 6.44 4.73
C ALA A 154 -7.19 6.79 4.21
N ARG A 155 -6.79 8.07 4.28
CA ARG A 155 -5.50 8.50 3.75
C ARG A 155 -4.32 7.89 4.51
N ILE A 156 -4.37 7.91 5.85
CA ILE A 156 -3.30 7.31 6.66
C ILE A 156 -3.28 5.80 6.42
N ALA A 157 -4.47 5.14 6.38
CA ALA A 157 -4.54 3.69 6.13
C ALA A 157 -3.92 3.37 4.75
N GLY A 158 -4.13 4.24 3.75
CA GLY A 158 -3.54 4.07 2.43
C GLY A 158 -2.01 4.01 2.53
N ASP A 159 -1.42 4.90 3.35
CA ASP A 159 0.05 4.90 3.58
C ASP A 159 0.51 3.64 4.28
N MSE A 160 -0.31 3.10 5.19
CA MSE A 160 0.01 1.83 5.88
C MSE A 160 0.11 0.70 4.83
O MSE A 160 1.00 -0.15 4.92
CB MSE A 160 -1.04 1.48 6.94
CG MSE A 160 -1.16 2.52 8.07
SE MSE A 160 0.50 2.71 9.14
CE MSE A 160 0.74 0.80 9.66
N GLY A 161 -0.81 0.70 3.84
CA GLY A 161 -0.84 -0.27 2.75
C GLY A 161 0.39 -0.14 1.87
N ILE A 162 0.79 1.11 1.54
CA ILE A 162 2.03 1.36 0.77
C ILE A 162 3.20 0.69 1.51
N TYR A 163 3.31 0.94 2.82
CA TYR A 163 4.37 0.33 3.63
C TYR A 163 4.31 -1.21 3.61
N ALA A 164 3.10 -1.79 3.87
CA ALA A 164 2.91 -3.25 3.91
C ALA A 164 3.41 -3.94 2.62
N GLN A 165 3.06 -3.38 1.46
CA GLN A 165 3.49 -3.95 0.17
C GLN A 165 4.98 -3.77 -0.02
N THR A 166 5.55 -2.62 0.37
CA THR A 166 7.01 -2.41 0.28
C THR A 166 7.71 -3.48 1.09
N LEU A 167 7.21 -3.73 2.31
CA LEU A 167 7.80 -4.74 3.20
C LEU A 167 7.70 -6.15 2.61
N MSE A 168 6.52 -6.54 2.10
CA MSE A 168 6.34 -7.88 1.54
C MSE A 168 7.22 -8.13 0.32
O MSE A 168 7.73 -9.24 0.16
CB MSE A 168 4.86 -8.19 1.23
CG MSE A 168 4.03 -8.33 2.53
SE MSE A 168 2.17 -8.85 2.18
CE MSE A 168 1.43 -7.13 1.53
N LEU A 169 7.41 -7.09 -0.54
CA LEU A 169 8.26 -7.23 -1.71
C LEU A 169 9.74 -7.30 -1.31
N ALA A 170 10.17 -6.50 -0.29
CA ALA A 170 11.54 -6.57 0.25
C ALA A 170 11.79 -8.00 0.80
N MSE A 171 10.77 -8.60 1.47
CA MSE A 171 10.87 -9.98 2.01
C MSE A 171 11.05 -10.96 0.86
O MSE A 171 11.97 -11.76 0.88
CB MSE A 171 9.63 -10.35 2.82
CG MSE A 171 9.57 -9.63 4.18
SE MSE A 171 7.86 -9.93 5.05
CE MSE A 171 8.40 -9.10 6.82
N THR A 172 10.16 -10.89 -0.17
CA THR A 172 10.24 -11.78 -1.34
C THR A 172 11.61 -11.73 -1.97
N ALA A 173 12.22 -10.52 -2.07
CA ALA A 173 13.54 -10.35 -2.67
C ALA A 173 14.64 -11.14 -1.96
N HIS A 174 14.45 -11.44 -0.65
CA HIS A 174 15.42 -12.21 0.14
C HIS A 174 14.96 -13.66 0.36
N GLY A 175 13.97 -14.10 -0.43
CA GLY A 175 13.40 -15.45 -0.37
C GLY A 175 12.56 -15.69 0.86
N ILE A 176 12.09 -14.61 1.50
CA ILE A 176 11.27 -14.67 2.70
C ILE A 176 9.79 -14.69 2.30
N ALA A 177 9.07 -15.75 2.72
CA ALA A 177 7.65 -15.90 2.44
C ALA A 177 6.88 -15.09 3.49
N SER A 178 5.65 -14.66 3.16
CA SER A 178 4.83 -13.90 4.11
C SER A 178 3.35 -14.15 3.90
N CYS A 179 2.55 -13.80 4.93
CA CYS A 179 1.09 -13.83 4.83
C CYS A 179 0.54 -12.62 5.57
N PRO A 180 -0.07 -11.66 4.84
CA PRO A 180 -0.71 -10.53 5.53
C PRO A 180 -1.95 -11.08 6.20
N GLN A 181 -2.21 -10.67 7.45
CA GLN A 181 -3.36 -11.22 8.15
C GLN A 181 -4.20 -10.15 8.83
N ALA A 182 -5.40 -9.89 8.29
CA ALA A 182 -6.38 -9.01 8.94
C ALA A 182 -6.87 -9.72 10.23
N LEU A 183 -6.89 -11.07 10.24
CA LEU A 183 -7.34 -11.84 11.41
C LEU A 183 -6.72 -11.38 12.74
N LEU A 184 -5.42 -11.12 12.75
CA LEU A 184 -4.69 -10.71 13.95
C LEU A 184 -5.17 -9.37 14.53
N SER A 185 -5.74 -8.50 13.67
CA SER A 185 -6.26 -7.20 14.09
C SER A 185 -7.62 -7.30 14.82
N PHE A 186 -8.22 -8.51 14.89
CA PHE A 186 -9.47 -8.74 15.64
C PHE A 186 -9.22 -9.02 17.12
N TYR A 187 -7.95 -9.01 17.54
CA TYR A 187 -7.56 -9.22 18.93
C TYR A 187 -6.55 -8.15 19.30
N ALA A 188 -6.84 -6.90 18.89
CA ALA A 188 -5.98 -5.74 19.08
C ALA A 188 -5.56 -5.48 20.55
N ASP A 189 -6.50 -5.60 21.50
CA ASP A 189 -6.18 -5.40 22.93
C ASP A 189 -5.20 -6.46 23.41
N THR A 190 -5.31 -7.71 22.90
CA THR A 190 -4.42 -8.81 23.29
C THR A 190 -3.01 -8.51 22.78
N VAL A 191 -2.89 -8.14 21.51
CA VAL A 191 -1.58 -7.81 20.90
C VAL A 191 -0.94 -6.64 21.67
N ARG A 192 -1.72 -5.57 21.93
CA ARG A 192 -1.25 -4.39 22.67
C ARG A 192 -0.72 -4.76 24.06
N ALA A 193 -1.50 -5.55 24.84
CA ALA A 193 -1.12 -6.00 26.19
C ALA A 193 0.16 -6.82 26.18
N GLU A 194 0.29 -7.80 25.27
CA GLU A 194 1.48 -8.67 25.21
C GLU A 194 2.73 -7.92 24.77
N LEU A 195 2.58 -6.85 24.00
CA LEU A 195 3.72 -6.09 23.47
C LEU A 195 4.01 -4.75 24.14
N GLY A 196 3.24 -4.40 25.15
CA GLY A 196 3.40 -3.14 25.88
C GLY A 196 3.11 -1.91 25.04
N VAL A 197 2.26 -2.07 24.01
CA VAL A 197 1.90 -1.00 23.08
C VAL A 197 0.65 -0.30 23.58
N GLU A 198 0.66 1.03 23.50
CA GLU A 198 -0.45 1.86 23.91
C GLU A 198 -0.67 2.95 22.90
N ASN A 199 -1.93 3.43 22.77
CA ASN A 199 -2.31 4.58 21.96
C ASN A 199 -1.92 4.49 20.48
N ARG A 200 -2.03 3.27 19.91
CA ARG A 200 -1.84 3.00 18.49
C ARG A 200 -2.89 1.95 18.14
N LYS A 201 -3.39 1.99 16.92
CA LYS A 201 -4.40 1.05 16.44
C LYS A 201 -3.74 -0.03 15.60
N LEU A 202 -4.23 -1.26 15.71
CA LEU A 202 -3.65 -2.39 14.97
C LEU A 202 -4.41 -2.62 13.67
N LEU A 203 -3.73 -2.43 12.55
CA LEU A 203 -4.38 -2.60 11.24
C LEU A 203 -4.33 -4.03 10.72
N MSE A 204 -3.14 -4.69 10.87
CA MSE A 204 -2.91 -6.05 10.40
CA MSE A 204 -2.91 -6.06 10.40
C MSE A 204 -1.61 -6.58 10.99
O MSE A 204 -0.82 -5.80 11.52
CB MSE A 204 -2.77 -6.04 8.86
CB MSE A 204 -2.78 -6.11 8.85
CG MSE A 204 -1.73 -5.01 8.38
CG MSE A 204 -1.43 -5.60 8.31
SE MSE A 204 -1.75 -4.76 6.45
SE MSE A 204 -1.22 -5.75 6.38
CE MSE A 204 -1.02 -6.44 5.96
CE MSE A 204 -2.01 -4.04 5.87
N GLY A 205 -1.38 -7.87 10.81
CA GLY A 205 -0.14 -8.54 11.17
C GLY A 205 0.38 -9.18 9.88
N ILE A 206 1.70 -9.41 9.80
CA ILE A 206 2.28 -10.11 8.65
C ILE A 206 3.15 -11.23 9.21
N SER A 207 2.75 -12.48 9.02
CA SER A 207 3.55 -13.63 9.47
C SER A 207 4.61 -13.85 8.40
N PHE A 208 5.85 -14.17 8.81
CA PHE A 208 6.92 -14.35 7.83
C PHE A 208 8.02 -15.34 8.26
N GLY A 209 8.73 -15.85 7.27
CA GLY A 209 9.77 -16.87 7.43
C GLY A 209 10.02 -17.54 6.10
N TYR A 210 10.27 -18.86 6.11
CA TYR A 210 10.49 -19.64 4.89
C TYR A 210 9.35 -20.60 4.65
N ALA A 211 8.82 -20.62 3.42
CA ALA A 211 7.68 -21.44 3.05
C ALA A 211 7.98 -22.91 3.19
N ASP A 212 7.00 -23.69 3.67
CA ASP A 212 7.09 -25.14 3.71
C ASP A 212 6.48 -25.58 2.37
N ASP A 213 7.35 -25.84 1.37
CA ASP A 213 6.93 -26.22 0.01
C ASP A 213 6.24 -27.60 -0.14
N THR A 214 6.17 -28.39 0.94
CA THR A 214 5.50 -29.70 0.94
C THR A 214 4.01 -29.57 1.33
N ALA A 215 3.59 -28.39 1.82
CA ALA A 215 2.23 -28.13 2.25
C ALA A 215 1.32 -27.82 1.07
N ALA A 216 0.19 -28.55 0.96
CA ALA A 216 -0.83 -28.38 -0.09
C ALA A 216 -1.36 -26.93 -0.17
N VAL A 217 -1.55 -26.26 0.98
CA VAL A 217 -2.03 -24.86 0.99
C VAL A 217 -1.10 -23.90 0.21
N ASN A 218 0.21 -24.19 0.17
CA ASN A 218 1.19 -23.38 -0.56
C ASN A 218 1.19 -23.61 -2.08
N GLY A 219 0.38 -24.56 -2.54
CA GLY A 219 0.21 -24.87 -3.94
C GLY A 219 -0.91 -24.08 -4.58
N VAL A 220 -1.76 -23.41 -3.75
CA VAL A 220 -2.87 -22.61 -4.25
C VAL A 220 -2.35 -21.38 -5.02
N ARG A 221 -2.95 -21.11 -6.18
CA ARG A 221 -2.56 -19.96 -7.01
C ARG A 221 -3.81 -19.12 -7.20
N ILE A 222 -3.88 -17.98 -6.51
CA ILE A 222 -5.06 -17.12 -6.59
C ILE A 222 -4.98 -16.20 -7.80
N PRO A 223 -6.01 -16.20 -8.69
CA PRO A 223 -5.93 -15.37 -9.89
C PRO A 223 -6.27 -13.91 -9.61
N ARG A 224 -6.24 -13.09 -10.65
CA ARG A 224 -6.61 -11.68 -10.57
C ARG A 224 -7.63 -11.44 -11.68
N ALA A 225 -8.45 -10.39 -11.54
CA ALA A 225 -9.43 -9.98 -12.56
C ALA A 225 -8.60 -9.50 -13.80
N GLY A 226 -9.12 -9.58 -14.99
CA GLY A 226 -8.31 -9.09 -16.12
C GLY A 226 -7.98 -7.60 -16.05
N LEU A 227 -6.95 -7.16 -16.82
CA LEU A 227 -6.60 -5.74 -16.92
C LEU A 227 -7.85 -4.95 -17.41
N SER A 228 -8.64 -5.54 -18.32
CA SER A 228 -9.87 -4.92 -18.86
C SER A 228 -10.93 -4.71 -17.76
N GLU A 229 -10.81 -5.45 -16.65
CA GLU A 229 -11.79 -5.43 -15.57
C GLU A 229 -11.50 -4.38 -14.52
N THR A 230 -10.23 -4.03 -14.30
CA THR A 230 -9.87 -3.09 -13.23
C THR A 230 -9.40 -1.73 -13.73
N THR A 231 -8.96 -1.65 -14.97
CA THR A 231 -8.31 -0.47 -15.54
C THR A 231 -8.99 -0.01 -16.82
N ARG A 232 -9.09 1.31 -17.01
CA ARG A 232 -9.68 1.87 -18.22
C ARG A 232 -8.74 2.91 -18.77
N PHE A 233 -8.36 2.79 -20.05
CA PHE A 233 -7.47 3.75 -20.70
C PHE A 233 -8.27 4.68 -21.61
N SER A 234 -8.06 5.98 -21.50
CA SER A 234 -8.76 6.96 -22.33
CA SER A 234 -8.75 6.90 -22.41
C SER A 234 -7.78 7.97 -22.94
N ARG A 235 -8.10 8.48 -24.12
CA ARG A 235 -7.34 9.51 -24.81
C ARG A 235 -8.23 10.41 -25.69
N VAL B 13 20.70 -9.50 -13.05
CA VAL B 13 20.16 -8.72 -11.94
C VAL B 13 19.67 -9.63 -10.80
N ASP B 14 20.40 -9.63 -9.67
CA ASP B 14 20.11 -10.37 -8.44
C ASP B 14 18.85 -9.76 -7.79
N LEU B 15 17.92 -10.61 -7.24
CA LEU B 15 16.64 -10.16 -6.66
C LEU B 15 16.75 -9.16 -5.53
N ALA B 16 17.62 -9.42 -4.55
CA ALA B 16 17.84 -8.52 -3.41
C ALA B 16 18.31 -7.14 -3.92
N GLN B 17 19.25 -7.11 -4.90
CA GLN B 17 19.77 -5.88 -5.47
CA GLN B 17 19.76 -5.86 -5.45
C GLN B 17 18.67 -5.14 -6.25
N ALA B 18 17.85 -5.91 -6.99
CA ALA B 18 16.74 -5.35 -7.77
C ALA B 18 15.70 -4.66 -6.87
N ALA B 19 15.32 -5.28 -5.73
CA ALA B 19 14.34 -4.67 -4.82
C ALA B 19 14.91 -3.39 -4.21
N GLU B 20 16.22 -3.36 -3.89
CA GLU B 20 16.84 -2.16 -3.36
C GLU B 20 16.76 -1.03 -4.42
N ARG B 21 17.11 -1.35 -5.68
CA ARG B 21 17.07 -0.39 -6.78
C ARG B 21 15.67 0.15 -7.04
N LEU B 22 14.64 -0.71 -7.05
CA LEU B 22 13.27 -0.26 -7.25
C LEU B 22 12.75 0.58 -6.09
N ILE B 23 12.90 0.07 -4.86
CA ILE B 23 12.37 0.72 -3.66
C ILE B 23 13.03 2.06 -3.37
N LYS B 24 14.36 2.12 -3.43
CA LYS B 24 15.08 3.38 -3.21
C LYS B 24 15.06 4.28 -4.47
N GLY B 25 14.97 3.67 -5.65
CA GLY B 25 14.99 4.39 -6.93
C GLY B 25 13.74 5.19 -7.23
N ARG B 26 12.58 4.70 -6.79
CA ARG B 26 11.30 5.39 -6.94
C ARG B 26 11.32 6.66 -6.06
N ARG B 27 11.03 7.82 -6.68
CA ARG B 27 10.97 9.11 -6.00
CA ARG B 27 10.95 9.09 -5.97
C ARG B 27 9.76 9.87 -6.50
N ALA B 28 9.23 10.85 -5.70
CA ALA B 28 8.11 11.67 -6.16
C ALA B 28 8.74 12.70 -7.11
N VAL B 29 8.41 12.57 -8.41
CA VAL B 29 8.97 13.43 -9.48
C VAL B 29 7.97 14.52 -9.82
N ARG B 30 8.42 15.80 -9.79
CA ARG B 30 7.55 16.96 -9.97
C ARG B 30 7.84 17.83 -11.19
N ALA B 31 8.42 17.22 -12.23
CA ALA B 31 8.71 17.88 -13.51
C ALA B 31 8.99 16.77 -14.50
N PHE B 32 8.18 16.71 -15.56
CA PHE B 32 8.26 15.65 -16.55
C PHE B 32 8.56 16.16 -17.93
N ARG B 33 9.18 15.31 -18.76
CA ARG B 33 9.37 15.58 -20.18
C ARG B 33 8.00 15.30 -20.87
N PRO B 34 7.74 15.81 -22.09
CA PRO B 34 6.43 15.53 -22.73
C PRO B 34 6.27 14.15 -23.38
N ASP B 35 7.37 13.40 -23.59
CA ASP B 35 7.38 12.09 -24.29
C ASP B 35 6.46 11.06 -23.67
N GLU B 36 5.60 10.44 -24.49
CA GLU B 36 4.66 9.44 -23.98
C GLU B 36 5.30 8.09 -23.74
N VAL B 37 4.73 7.34 -22.80
CA VAL B 37 5.11 5.96 -22.51
C VAL B 37 4.43 5.13 -23.61
N PRO B 38 5.17 4.22 -24.30
CA PRO B 38 4.55 3.38 -25.34
C PRO B 38 3.35 2.59 -24.80
N GLU B 39 2.27 2.46 -25.60
CA GLU B 39 1.06 1.76 -25.13
C GLU B 39 1.33 0.34 -24.61
N GLU B 40 2.22 -0.42 -25.27
CA GLU B 40 2.59 -1.80 -24.88
C GLU B 40 3.26 -1.83 -23.49
N THR B 41 4.12 -0.83 -23.19
CA THR B 41 4.78 -0.70 -21.90
C THR B 41 3.75 -0.37 -20.81
N MSE B 42 2.83 0.60 -21.07
CA MSE B 42 1.79 0.94 -20.11
C MSE B 42 0.92 -0.28 -19.80
O MSE B 42 0.62 -0.53 -18.64
CB MSE B 42 0.91 2.09 -20.61
CG MSE B 42 1.32 3.42 -20.08
SE MSE B 42 0.02 4.77 -20.53
CE MSE B 42 0.07 4.63 -22.46
N ARG B 43 0.60 -1.08 -20.85
CA ARG B 43 -0.17 -2.31 -20.68
C ARG B 43 0.56 -3.27 -19.72
N ALA B 44 1.86 -3.54 -19.96
CA ALA B 44 2.68 -4.44 -19.12
C ALA B 44 2.73 -3.93 -17.67
N VAL B 45 2.86 -2.61 -17.49
CA VAL B 45 2.95 -2.02 -16.15
C VAL B 45 1.64 -2.19 -15.36
N PHE B 46 0.50 -1.83 -15.99
CA PHE B 46 -0.81 -1.91 -15.31
C PHE B 46 -1.28 -3.35 -15.09
N GLU B 47 -0.88 -4.28 -15.98
CA GLU B 47 -1.17 -5.72 -15.82
C GLU B 47 -0.41 -6.23 -14.61
N LEU B 48 0.88 -5.88 -14.51
CA LEU B 48 1.71 -6.30 -13.36
C LEU B 48 1.15 -5.77 -12.04
N ALA B 49 0.73 -4.49 -12.00
CA ALA B 49 0.20 -3.84 -10.79
C ALA B 49 -1.03 -4.54 -10.23
N GLY B 50 -1.80 -5.15 -11.14
CA GLY B 50 -3.00 -5.93 -10.81
C GLY B 50 -2.69 -7.12 -9.91
N HIS B 51 -1.41 -7.56 -9.85
CA HIS B 51 -0.97 -8.65 -8.97
C HIS B 51 -0.79 -8.25 -7.50
N ALA B 52 -1.10 -7.01 -7.16
CA ALA B 52 -1.10 -6.57 -5.76
C ALA B 52 -2.08 -7.48 -4.94
N PRO B 53 -1.75 -7.83 -3.68
CA PRO B 53 -2.71 -8.57 -2.85
C PRO B 53 -3.75 -7.59 -2.26
N SER B 54 -4.84 -8.14 -1.68
CA SER B 54 -5.90 -7.34 -1.06
C SER B 54 -6.68 -8.25 -0.15
N ASN B 55 -7.48 -7.67 0.76
CA ASN B 55 -8.34 -8.47 1.66
C ASN B 55 -9.23 -9.37 0.81
N SER B 56 -9.18 -10.70 1.03
CA SER B 56 -10.00 -11.70 0.33
C SER B 56 -9.87 -11.62 -1.22
N ASN B 57 -8.76 -11.07 -1.75
CA ASN B 57 -8.56 -10.88 -3.20
C ASN B 57 -9.68 -10.00 -3.84
N THR B 58 -10.23 -9.05 -3.05
CA THR B 58 -11.31 -8.18 -3.53
C THR B 58 -10.87 -7.20 -4.64
N GLN B 59 -9.55 -6.87 -4.72
CA GLN B 59 -8.97 -5.99 -5.75
C GLN B 59 -9.88 -4.74 -5.92
N PRO B 60 -10.02 -3.92 -4.85
CA PRO B 60 -11.02 -2.84 -4.88
C PRO B 60 -10.74 -1.67 -5.79
N TRP B 61 -9.53 -1.62 -6.35
CA TRP B 61 -9.10 -0.54 -7.24
C TRP B 61 -9.84 -0.51 -8.59
N HIS B 62 -10.25 0.71 -9.01
CA HIS B 62 -10.77 0.99 -10.35
C HIS B 62 -9.83 2.09 -10.84
N VAL B 63 -9.01 1.80 -11.86
CA VAL B 63 -7.98 2.75 -12.31
C VAL B 63 -8.31 3.38 -13.65
N GLU B 64 -8.42 4.70 -13.69
CA GLU B 64 -8.67 5.43 -14.94
C GLU B 64 -7.35 6.05 -15.39
N VAL B 65 -6.81 5.58 -16.52
CA VAL B 65 -5.54 6.10 -17.07
C VAL B 65 -5.90 7.06 -18.19
N VAL B 66 -5.39 8.31 -18.12
CA VAL B 66 -5.75 9.36 -19.07
C VAL B 66 -4.50 9.86 -19.81
N SER B 67 -4.58 9.96 -21.15
CA SER B 67 -3.50 10.40 -22.03
C SER B 67 -4.05 11.34 -23.11
N GLY B 68 -3.13 11.90 -23.92
CA GLY B 68 -3.43 12.76 -25.06
C GLY B 68 -4.42 13.89 -24.82
N ALA B 69 -5.31 14.15 -25.80
CA ALA B 69 -6.31 15.23 -25.73
C ALA B 69 -7.20 15.13 -24.48
N ALA B 70 -7.59 13.90 -24.06
CA ALA B 70 -8.39 13.71 -22.85
C ALA B 70 -7.60 14.20 -21.61
N ARG B 71 -6.29 13.89 -21.55
CA ARG B 71 -5.42 14.35 -20.44
C ARG B 71 -5.33 15.89 -20.45
N ASP B 72 -5.22 16.52 -21.64
CA ASP B 72 -5.18 17.98 -21.74
C ASP B 72 -6.48 18.62 -21.26
N ARG B 73 -7.66 18.06 -21.66
CA ARG B 73 -8.96 18.59 -21.22
C ARG B 73 -9.12 18.43 -19.73
N LEU B 74 -8.67 17.30 -19.17
CA LEU B 74 -8.78 17.03 -17.74
C LEU B 74 -7.91 18.04 -16.96
N ALA B 75 -6.67 18.30 -17.41
CA ALA B 75 -5.79 19.29 -16.76
C ALA B 75 -6.44 20.68 -16.73
N GLU B 76 -7.00 21.11 -17.86
CA GLU B 76 -7.64 22.42 -17.96
C GLU B 76 -8.89 22.51 -17.08
N ALA B 77 -9.67 21.42 -17.01
CA ALA B 77 -10.87 21.38 -16.15
C ALA B 77 -10.49 21.49 -14.65
N LEU B 78 -9.35 20.87 -14.24
CA LEU B 78 -8.86 20.92 -12.85
C LEU B 78 -8.39 22.33 -12.51
N VAL B 79 -7.66 22.97 -13.43
CA VAL B 79 -7.18 24.35 -13.27
C VAL B 79 -8.38 25.29 -13.08
N THR B 80 -9.45 25.11 -13.90
CA THR B 80 -10.67 25.91 -13.82
C THR B 80 -11.41 25.64 -12.50
N ALA B 81 -11.56 24.36 -12.10
CA ALA B 81 -12.21 24.00 -10.83
C ALA B 81 -11.48 24.64 -9.63
N HIS B 82 -10.13 24.60 -9.64
CA HIS B 82 -9.30 25.17 -8.58
C HIS B 82 -9.48 26.68 -8.49
N ALA B 83 -9.53 27.37 -9.65
CA ALA B 83 -9.70 28.81 -9.72
C ALA B 83 -11.09 29.24 -9.21
N GLU B 84 -12.12 28.41 -9.48
CA GLU B 84 -13.51 28.64 -9.08
C GLU B 84 -13.81 28.12 -7.65
N GLU B 85 -12.78 27.62 -6.93
CA GLU B 85 -12.86 27.07 -5.56
C GLU B 85 -13.87 25.89 -5.45
N ARG B 86 -14.06 25.15 -6.57
CA ARG B 86 -15.00 24.03 -6.60
C ARG B 86 -14.35 22.75 -6.06
N VAL B 87 -14.03 22.78 -4.75
CA VAL B 87 -13.42 21.67 -4.03
C VAL B 87 -14.51 20.60 -3.82
N THR B 88 -14.27 19.39 -4.33
CA THR B 88 -15.26 18.29 -4.22
C THR B 88 -14.58 17.02 -3.73
N VAL B 89 -14.00 17.06 -2.55
CA VAL B 89 -13.26 15.93 -2.01
C VAL B 89 -14.19 14.85 -1.43
N ASP B 90 -13.86 13.58 -1.69
CA ASP B 90 -14.63 12.43 -1.23
C ASP B 90 -14.22 12.00 0.17
N PHE B 91 -12.95 12.22 0.54
CA PHE B 91 -12.46 11.80 1.86
C PHE B 91 -12.30 13.01 2.84
N PRO B 92 -13.12 13.13 3.91
CA PRO B 92 -12.99 14.31 4.79
C PRO B 92 -11.75 14.31 5.67
N TYR B 93 -11.33 15.49 6.16
CA TYR B 93 -10.19 15.58 7.05
C TYR B 93 -10.59 15.08 8.44
N ARG B 94 -9.62 14.57 9.20
CA ARG B 94 -9.87 14.12 10.57
C ARG B 94 -8.97 14.93 11.49
N GLU B 95 -9.57 15.55 12.51
CA GLU B 95 -8.86 16.40 13.47
C GLU B 95 -7.65 15.71 14.12
N GLY B 96 -6.57 16.47 14.27
CA GLY B 96 -5.31 16.02 14.85
C GLY B 96 -4.58 15.00 14.01
N LEU B 97 -4.87 14.95 12.69
CA LEU B 97 -4.29 14.00 11.73
C LEU B 97 -2.77 13.90 11.80
N PHE B 98 -2.07 15.05 11.95
CA PHE B 98 -0.61 15.07 12.03
C PHE B 98 -0.13 15.92 13.20
N GLN B 99 0.13 15.25 14.34
CA GLN B 99 0.65 15.88 15.55
C GLN B 99 1.91 15.15 16.01
N GLY B 100 2.75 15.85 16.76
CA GLY B 100 4.01 15.33 17.26
C GLY B 100 5.01 15.15 16.14
N VAL B 101 5.63 13.96 16.07
CA VAL B 101 6.62 13.68 15.03
C VAL B 101 6.06 13.74 13.59
N LEU B 102 4.74 13.43 13.40
CA LEU B 102 4.13 13.49 12.05
C LEU B 102 4.15 14.92 11.52
N GLN B 103 3.87 15.90 12.39
CA GLN B 103 3.92 17.32 12.02
C GLN B 103 5.35 17.76 11.71
N GLU B 104 6.34 17.30 12.53
CA GLU B 104 7.77 17.60 12.31
C GLU B 104 8.22 17.12 10.90
N ARG B 105 7.80 15.89 10.52
CA ARG B 105 8.13 15.32 9.21
C ARG B 105 7.51 16.11 8.07
N ARG B 106 6.24 16.52 8.22
CA ARG B 106 5.55 17.33 7.19
C ARG B 106 6.24 18.68 7.02
N ALA B 107 6.60 19.36 8.15
CA ALA B 107 7.29 20.66 8.13
C ALA B 107 8.66 20.54 7.43
N ASP B 108 9.45 19.49 7.77
CA ASP B 108 10.77 19.23 7.17
C ASP B 108 10.63 18.98 5.65
N PHE B 109 9.60 18.20 5.24
CA PHE B 109 9.35 17.93 3.81
C PHE B 109 9.06 19.25 3.08
N GLY B 110 8.13 20.02 3.62
CA GLY B 110 7.72 21.32 3.06
C GLY B 110 8.90 22.24 2.85
N SER B 111 9.77 22.35 3.89
CA SER B 111 10.99 23.17 3.85
CA SER B 111 10.98 23.17 3.85
C SER B 111 11.92 22.72 2.72
N ARG B 112 12.19 21.39 2.62
CA ARG B 112 13.08 20.87 1.56
C ARG B 112 12.49 21.10 0.18
N LEU B 113 11.16 20.89 0.02
CA LEU B 113 10.48 21.07 -1.26
C LEU B 113 10.56 22.52 -1.72
N TYR B 114 10.21 23.47 -0.84
CA TYR B 114 10.25 24.91 -1.16
C TYR B 114 11.69 25.39 -1.45
N ALA B 115 12.69 24.84 -0.71
CA ALA B 115 14.10 25.20 -0.94
C ALA B 115 14.55 24.72 -2.34
N ALA B 116 14.12 23.50 -2.77
CA ALA B 116 14.45 22.96 -4.10
C ALA B 116 13.76 23.77 -5.21
N LEU B 117 12.55 24.28 -4.95
CA LEU B 117 11.81 25.13 -5.89
C LEU B 117 12.32 26.58 -5.92
N GLY B 118 13.06 26.96 -4.87
CA GLY B 118 13.59 28.31 -4.71
C GLY B 118 12.51 29.31 -4.33
N ILE B 119 11.47 28.86 -3.60
CA ILE B 119 10.33 29.66 -3.15
C ILE B 119 10.29 29.78 -1.63
N ALA B 120 9.99 30.99 -1.13
CA ALA B 120 9.81 31.25 0.30
C ALA B 120 8.31 31.18 0.62
N ARG B 121 7.93 30.68 1.81
CA ARG B 121 6.54 30.50 2.27
C ARG B 121 5.65 31.77 2.11
N ASP B 122 6.27 32.97 2.17
CA ASP B 122 5.55 34.24 2.05
C ASP B 122 5.28 34.65 0.59
N GLN B 123 5.89 33.95 -0.39
CA GLN B 123 5.71 34.27 -1.81
C GLN B 123 4.47 33.53 -2.38
N THR B 124 3.28 33.97 -1.91
CA THR B 124 1.94 33.44 -2.24
C THR B 124 1.73 33.18 -3.72
N ASP B 125 2.12 34.15 -4.59
CA ASP B 125 1.98 34.07 -6.04
C ASP B 125 2.85 32.99 -6.66
N LEU B 126 4.08 32.80 -6.16
CA LEU B 126 4.98 31.75 -6.65
C LEU B 126 4.45 30.38 -6.25
N LEU B 127 3.85 30.28 -5.05
CA LEU B 127 3.20 29.05 -4.58
C LEU B 127 1.98 28.76 -5.47
N GLN B 128 1.31 29.82 -5.99
CA GLN B 128 0.16 29.67 -6.89
C GLN B 128 0.57 29.10 -8.26
N GLY B 129 1.64 29.64 -8.84
CA GLY B 129 2.22 29.20 -10.11
C GLY B 129 2.65 27.75 -10.04
N TYR B 130 3.32 27.38 -8.94
CA TYR B 130 3.74 26.01 -8.67
C TYR B 130 2.51 25.08 -8.57
N ASN B 131 1.50 25.50 -7.79
CA ASN B 131 0.31 24.66 -7.66
C ASN B 131 -0.58 24.53 -8.90
N THR B 132 -0.56 25.55 -9.78
CA THR B 132 -1.28 25.49 -11.07
C THR B 132 -0.62 24.38 -11.91
N GLU B 133 0.71 24.33 -11.90
CA GLU B 133 1.48 23.32 -12.62
C GLU B 133 1.22 21.90 -12.07
N SER B 134 1.00 21.78 -10.74
CA SER B 134 0.69 20.50 -10.09
CA SER B 134 0.72 20.47 -10.14
C SER B 134 -0.63 19.93 -10.65
N LEU B 135 -1.60 20.84 -10.94
CA LEU B 135 -2.92 20.45 -11.49
C LEU B 135 -2.82 20.11 -12.97
N ARG B 136 -1.68 20.45 -13.60
CA ARG B 136 -1.38 20.12 -14.98
C ARG B 136 -0.45 18.89 -14.98
N PHE B 137 -0.48 18.11 -13.88
CA PHE B 137 0.27 16.86 -13.69
C PHE B 137 1.79 17.06 -13.78
N TYR B 138 2.29 18.26 -13.47
CA TYR B 138 3.72 18.60 -13.58
C TYR B 138 4.25 18.38 -15.00
N GLY B 139 3.38 18.54 -15.99
CA GLY B 139 3.72 18.33 -17.39
C GLY B 139 3.73 16.86 -17.81
N ALA B 140 3.32 15.93 -16.91
CA ALA B 140 3.32 14.51 -17.29
C ALA B 140 2.35 14.22 -18.42
N PRO B 141 2.74 13.33 -19.37
CA PRO B 141 1.82 13.01 -20.48
C PRO B 141 0.68 12.08 -20.06
N HIS B 142 0.76 11.47 -18.85
CA HIS B 142 -0.25 10.52 -18.39
C HIS B 142 -0.59 10.74 -16.91
N VAL B 143 -1.82 10.34 -16.55
CA VAL B 143 -2.25 10.34 -15.14
C VAL B 143 -3.12 9.13 -14.88
N ALA B 144 -2.93 8.47 -13.73
CA ALA B 144 -3.73 7.33 -13.31
C ALA B 144 -4.55 7.81 -12.11
N MSE B 145 -5.87 7.80 -12.25
CA MSE B 145 -6.78 8.22 -11.18
C MSE B 145 -7.23 6.96 -10.47
O MSE B 145 -7.76 6.04 -11.11
CB MSE B 145 -7.99 8.97 -11.80
CG MSE B 145 -7.59 10.29 -12.45
SE MSE B 145 -6.94 11.59 -11.07
CE MSE B 145 -6.77 13.22 -12.21
N LEU B 146 -6.93 6.86 -9.17
CA LEU B 146 -7.22 5.67 -8.39
C LEU B 146 -8.53 5.81 -7.66
N PHE B 147 -9.58 5.21 -8.24
CA PHE B 147 -10.95 5.20 -7.70
C PHE B 147 -11.15 3.99 -6.80
N ALA B 148 -12.00 4.15 -5.79
CA ALA B 148 -12.25 3.12 -4.80
C ALA B 148 -13.76 3.01 -4.54
N PRO B 149 -14.22 1.95 -3.84
CA PRO B 149 -15.67 1.84 -3.57
C PRO B 149 -16.26 3.02 -2.78
N ASN B 150 -17.57 3.28 -2.93
CA ASN B 150 -18.23 4.36 -2.16
C ASN B 150 -18.15 4.21 -0.65
N ASN B 151 -18.06 2.97 -0.17
CA ASN B 151 -18.01 2.70 1.27
C ASN B 151 -16.57 2.48 1.79
N THR B 152 -15.55 2.91 1.03
CA THR B 152 -14.14 2.76 1.42
C THR B 152 -13.91 3.30 2.82
N GLU B 153 -13.27 2.46 3.64
CA GLU B 153 -12.85 2.79 5.00
C GLU B 153 -11.37 2.39 5.14
N ALA B 154 -10.85 2.28 6.36
CA ALA B 154 -9.42 1.99 6.56
C ALA B 154 -8.91 0.72 5.89
N ARG B 155 -9.64 -0.39 6.02
CA ARG B 155 -9.17 -1.66 5.43
C ARG B 155 -9.11 -1.60 3.89
N ILE B 156 -10.17 -1.07 3.26
CA ILE B 156 -10.17 -0.95 1.79
C ILE B 156 -9.11 0.06 1.35
N ALA B 157 -9.00 1.20 2.08
CA ALA B 157 -7.96 2.19 1.72
C ALA B 157 -6.55 1.59 1.82
N GLY B 158 -6.31 0.70 2.81
CA GLY B 158 -5.02 0.03 2.93
C GLY B 158 -4.69 -0.73 1.64
N ASP B 159 -5.67 -1.47 1.10
CA ASP B 159 -5.49 -2.20 -0.16
C ASP B 159 -5.25 -1.27 -1.34
N MSE B 160 -5.89 -0.09 -1.34
CA MSE B 160 -5.65 0.93 -2.39
C MSE B 160 -4.16 1.35 -2.36
O MSE B 160 -3.54 1.51 -3.43
CB MSE B 160 -6.58 2.16 -2.20
CG MSE B 160 -8.06 1.85 -2.35
SE MSE B 160 -8.51 1.15 -4.15
CE MSE B 160 -7.81 2.68 -5.25
N GLY B 161 -3.58 1.47 -1.15
CA GLY B 161 -2.17 1.82 -0.97
C GLY B 161 -1.25 0.69 -1.43
N ILE B 162 -1.59 -0.57 -1.09
CA ILE B 162 -0.86 -1.75 -1.57
C ILE B 162 -0.78 -1.69 -3.10
N TYR B 163 -1.93 -1.46 -3.77
CA TYR B 163 -1.94 -1.33 -5.22
C TYR B 163 -1.07 -0.15 -5.70
N ALA B 164 -1.26 1.06 -5.11
CA ALA B 164 -0.51 2.27 -5.54
C ALA B 164 1.00 2.02 -5.53
N GLN B 165 1.53 1.40 -4.46
CA GLN B 165 2.96 1.10 -4.37
C GLN B 165 3.38 0.02 -5.39
N THR B 166 2.54 -1.00 -5.62
CA THR B 166 2.86 -2.02 -6.63
C THR B 166 3.00 -1.35 -8.01
N LEU B 167 2.04 -0.47 -8.33
CA LEU B 167 2.06 0.28 -9.60
C LEU B 167 3.32 1.17 -9.76
N MSE B 168 3.64 1.94 -8.70
CA MSE B 168 4.80 2.85 -8.74
C MSE B 168 6.11 2.12 -8.91
O MSE B 168 6.98 2.59 -9.65
CB MSE B 168 4.79 3.77 -7.48
CG MSE B 168 3.67 4.83 -7.58
SE MSE B 168 3.79 6.19 -6.21
CE MSE B 168 3.00 5.20 -4.67
N LEU B 169 6.25 0.95 -8.26
CA LEU B 169 7.47 0.14 -8.39
C LEU B 169 7.52 -0.52 -9.77
N ALA B 170 6.35 -0.96 -10.31
CA ALA B 170 6.32 -1.55 -11.67
C ALA B 170 6.72 -0.46 -12.69
N MSE B 171 6.28 0.78 -12.45
CA MSE B 171 6.63 1.94 -13.32
C MSE B 171 8.16 2.17 -13.23
O MSE B 171 8.83 2.25 -14.26
CB MSE B 171 5.90 3.22 -12.88
CG MSE B 171 4.43 3.27 -13.32
SE MSE B 171 3.56 4.75 -12.45
CE MSE B 171 1.78 4.56 -13.32
N THR B 172 8.70 2.22 -12.01
CA THR B 172 10.16 2.46 -11.78
C THR B 172 11.02 1.43 -12.53
N ALA B 173 10.55 0.17 -12.57
CA ALA B 173 11.23 -0.93 -13.27
C ALA B 173 11.36 -0.70 -14.77
N HIS B 174 10.44 0.09 -15.37
CA HIS B 174 10.46 0.43 -16.79
C HIS B 174 10.99 1.86 -17.06
N GLY B 175 11.62 2.47 -16.05
CA GLY B 175 12.21 3.80 -16.18
C GLY B 175 11.17 4.91 -16.21
N ILE B 176 9.95 4.61 -15.72
CA ILE B 176 8.84 5.53 -15.69
C ILE B 176 8.79 6.20 -14.32
N ALA B 177 8.89 7.53 -14.33
CA ALA B 177 8.83 8.33 -13.12
C ALA B 177 7.37 8.54 -12.76
N SER B 178 7.11 8.82 -11.48
CA SER B 178 5.73 9.05 -11.04
C SER B 178 5.68 10.03 -9.86
N CYS B 179 4.50 10.60 -9.64
CA CYS B 179 4.22 11.41 -8.45
C CYS B 179 2.85 11.04 -7.94
N PRO B 180 2.76 10.42 -6.75
CA PRO B 180 1.42 10.20 -6.17
C PRO B 180 0.92 11.57 -5.72
N GLN B 181 -0.36 11.87 -5.96
CA GLN B 181 -0.88 13.20 -5.61
C GLN B 181 -2.27 13.12 -4.96
N ALA B 182 -2.34 13.42 -3.66
CA ALA B 182 -3.64 13.52 -2.96
C ALA B 182 -4.37 14.78 -3.53
N LEU B 183 -3.59 15.81 -3.97
CA LEU B 183 -4.17 17.03 -4.52
C LEU B 183 -5.24 16.78 -5.58
N LEU B 184 -4.98 15.84 -6.51
CA LEU B 184 -5.96 15.56 -7.59
C LEU B 184 -7.32 15.06 -7.09
N SER B 185 -7.33 14.40 -5.92
CA SER B 185 -8.54 13.89 -5.28
C SER B 185 -9.41 15.01 -4.67
N PHE B 186 -8.88 16.24 -4.57
CA PHE B 186 -9.64 17.36 -4.02
C PHE B 186 -10.68 17.89 -5.03
N TYR B 187 -10.59 17.46 -6.29
CA TYR B 187 -11.52 17.89 -7.35
C TYR B 187 -12.16 16.65 -7.97
N ALA B 188 -12.55 15.69 -7.11
CA ALA B 188 -13.13 14.41 -7.52
C ALA B 188 -14.34 14.50 -8.48
N ASP B 189 -15.27 15.44 -8.24
CA ASP B 189 -16.44 15.61 -9.14
C ASP B 189 -16.01 16.00 -10.55
N THR B 190 -14.97 16.85 -10.68
CA THR B 190 -14.41 17.28 -11.97
C THR B 190 -13.82 16.07 -12.70
N VAL B 191 -13.03 15.25 -11.98
CA VAL B 191 -12.41 14.06 -12.58
C VAL B 191 -13.53 13.10 -13.05
N ARG B 192 -14.53 12.84 -12.18
CA ARG B 192 -15.66 11.96 -12.52
C ARG B 192 -16.41 12.47 -13.77
N ALA B 193 -16.73 13.79 -13.81
CA ALA B 193 -17.45 14.38 -14.94
C ALA B 193 -16.68 14.25 -16.25
N GLU B 194 -15.37 14.53 -16.21
CA GLU B 194 -14.50 14.44 -17.40
C GLU B 194 -14.42 13.02 -17.95
N LEU B 195 -14.30 12.04 -17.05
CA LEU B 195 -14.09 10.63 -17.40
C LEU B 195 -15.33 9.75 -17.49
N GLY B 196 -16.49 10.29 -17.12
CA GLY B 196 -17.76 9.57 -17.14
C GLY B 196 -17.86 8.49 -16.08
N VAL B 197 -17.17 8.69 -14.94
CA VAL B 197 -17.14 7.74 -13.82
C VAL B 197 -18.30 8.04 -12.88
N GLU B 198 -19.03 6.98 -12.46
CA GLU B 198 -20.14 7.12 -11.54
C GLU B 198 -20.00 6.18 -10.36
N ASN B 199 -20.51 6.63 -9.20
CA ASN B 199 -20.57 5.88 -7.95
CA ASN B 199 -20.58 5.83 -7.97
C ASN B 199 -19.23 5.25 -7.50
N ARG B 200 -18.14 6.05 -7.56
CA ARG B 200 -16.83 5.63 -7.08
C ARG B 200 -16.19 6.85 -6.42
N LYS B 201 -15.37 6.62 -5.39
CA LYS B 201 -14.67 7.71 -4.70
C LYS B 201 -13.22 7.79 -5.15
N LEU B 202 -12.70 9.01 -5.31
CA LEU B 202 -11.34 9.21 -5.76
C LEU B 202 -10.37 9.37 -4.57
N LEU B 203 -9.39 8.46 -4.46
CA LEU B 203 -8.43 8.53 -3.34
C LEU B 203 -7.21 9.40 -3.65
N MSE B 204 -6.66 9.24 -4.87
CA MSE B 204 -5.47 9.95 -5.32
CA MSE B 204 -5.47 9.96 -5.32
C MSE B 204 -5.34 9.82 -6.84
O MSE B 204 -6.03 8.98 -7.45
CB MSE B 204 -4.21 9.32 -4.66
CB MSE B 204 -4.18 9.40 -4.66
CG MSE B 204 -4.12 7.80 -4.90
CG MSE B 204 -3.70 8.05 -5.24
SE MSE B 204 -2.85 6.89 -3.77
SE MSE B 204 -2.08 7.33 -4.41
CE MSE B 204 -1.24 7.35 -4.68
CE MSE B 204 -2.90 6.57 -2.76
N GLY B 205 -4.43 10.58 -7.39
CA GLY B 205 -4.07 10.48 -8.79
C GLY B 205 -2.57 10.24 -8.78
N ILE B 206 -2.02 9.63 -9.82
CA ILE B 206 -0.57 9.40 -9.91
C ILE B 206 -0.16 9.93 -11.28
N SER B 207 0.58 11.04 -11.33
CA SER B 207 1.07 11.58 -12.60
C SER B 207 2.28 10.74 -13.02
N PHE B 208 2.43 10.42 -14.32
CA PHE B 208 3.58 9.60 -14.70
C PHE B 208 4.06 9.85 -16.13
N GLY B 209 5.30 9.46 -16.36
CA GLY B 209 5.98 9.59 -17.65
C GLY B 209 7.48 9.53 -17.42
N TYR B 210 8.23 10.37 -18.13
CA TYR B 210 9.68 10.40 -17.98
C TYR B 210 10.12 11.68 -17.31
N ALA B 211 10.93 11.54 -16.26
CA ALA B 211 11.39 12.68 -15.46
C ALA B 211 12.21 13.68 -16.29
N ASP B 212 12.08 14.99 -15.97
CA ASP B 212 12.97 15.98 -16.51
C ASP B 212 14.08 16.06 -15.44
N ASP B 213 15.20 15.35 -15.67
CA ASP B 213 16.29 15.32 -14.69
C ASP B 213 17.08 16.64 -14.55
N THR B 214 16.73 17.70 -15.32
CA THR B 214 17.41 19.01 -15.20
C THR B 214 16.66 19.92 -14.21
N ALA B 215 15.40 19.56 -13.85
CA ALA B 215 14.59 20.39 -12.94
C ALA B 215 15.09 20.25 -11.52
N ALA B 216 15.38 21.39 -10.86
CA ALA B 216 15.87 21.44 -9.47
C ALA B 216 14.97 20.71 -8.51
N VAL B 217 13.64 20.77 -8.73
CA VAL B 217 12.65 20.06 -7.87
C VAL B 217 12.92 18.54 -7.83
N ASN B 218 13.48 17.98 -8.94
CA ASN B 218 13.76 16.54 -8.99
C ASN B 218 15.09 16.16 -8.29
N GLY B 219 15.79 17.17 -7.78
CA GLY B 219 17.04 16.99 -7.05
C GLY B 219 16.80 16.94 -5.55
N VAL B 220 15.55 17.18 -5.11
CA VAL B 220 15.16 17.14 -3.69
C VAL B 220 15.43 15.73 -3.12
N ARG B 221 16.01 15.65 -1.92
CA ARG B 221 16.24 14.32 -1.34
C ARG B 221 15.55 14.28 -0.01
N ILE B 222 14.49 13.50 0.04
CA ILE B 222 13.63 13.41 1.21
C ILE B 222 14.10 12.24 2.08
N PRO B 223 14.50 12.54 3.33
CA PRO B 223 15.02 11.48 4.20
C PRO B 223 13.90 10.58 4.75
N ARG B 224 14.30 9.51 5.41
CA ARG B 224 13.41 8.58 6.10
C ARG B 224 13.83 8.51 7.56
N ALA B 225 12.87 8.15 8.43
CA ALA B 225 13.06 8.13 9.89
C ALA B 225 14.11 7.13 10.39
N GLY B 226 14.18 5.97 9.76
CA GLY B 226 15.12 4.92 10.15
C GLY B 226 14.54 3.97 11.19
N LEU B 227 15.16 2.77 11.34
CA LEU B 227 14.71 1.71 12.25
C LEU B 227 14.36 2.12 13.66
N SER B 228 15.23 2.92 14.36
CA SER B 228 14.98 3.31 15.75
CA SER B 228 14.98 3.32 15.75
C SER B 228 13.66 4.07 15.92
N GLU B 229 13.22 4.76 14.86
CA GLU B 229 11.99 5.51 14.93
C GLU B 229 10.76 4.74 14.53
N THR B 230 10.92 3.72 13.67
CA THR B 230 9.75 3.03 13.13
C THR B 230 9.56 1.60 13.62
N THR B 231 10.66 0.91 13.97
CA THR B 231 10.61 -0.53 14.17
C THR B 231 11.21 -1.02 15.47
N ARG B 232 10.56 -2.04 16.07
CA ARG B 232 11.08 -2.69 17.25
C ARG B 232 11.11 -4.18 17.05
N PHE B 233 12.21 -4.78 17.46
CA PHE B 233 12.37 -6.22 17.40
C PHE B 233 12.35 -6.74 18.83
N SER B 234 11.52 -7.77 19.08
CA SER B 234 11.45 -8.41 20.39
CA SER B 234 11.43 -8.42 20.39
C SER B 234 11.48 -9.93 20.26
N ARG B 235 12.04 -10.60 21.28
CA ARG B 235 12.12 -12.05 21.39
C ARG B 235 12.11 -12.48 22.86
N1 FMN C . -5.18 -14.19 4.26
C2 FMN C . -5.48 -14.98 5.32
O2 FMN C . -5.33 -16.31 5.18
N3 FMN C . -5.91 -14.47 6.49
C4 FMN C . -6.09 -13.14 6.62
O4 FMN C . -6.52 -12.63 7.78
C4A FMN C . -5.78 -12.30 5.55
N5 FMN C . -5.96 -10.90 5.65
C5A FMN C . -5.38 -10.06 4.67
C6 FMN C . -5.26 -8.68 4.89
C7 FMN C . -4.70 -7.87 3.91
C7M FMN C . -4.59 -6.35 4.13
C8 FMN C . -4.22 -8.44 2.71
C8M FMN C . -3.55 -7.57 1.64
C9 FMN C . -4.34 -9.81 2.50
C9A FMN C . -4.88 -10.63 3.49
N10 FMN C . -4.98 -12.04 3.28
C10 FMN C . -5.33 -12.85 4.35
C1' FMN C . -4.23 -12.66 2.12
C2' FMN C . -5.12 -12.89 0.88
O2' FMN C . -6.29 -13.28 0.98
C3' FMN C . -4.42 -12.77 -0.48
O3' FMN C . -3.45 -11.69 -0.54
C4' FMN C . -5.38 -12.75 -1.69
O4' FMN C . -6.16 -13.95 -1.66
C5' FMN C . -4.52 -12.76 -2.97
O5' FMN C . -3.71 -13.98 -2.99
P FMN C . -2.11 -13.94 -3.09
O1P FMN C . -1.54 -12.89 -2.03
O2P FMN C . -1.63 -15.38 -2.66
O3P FMN C . -1.65 -13.56 -4.45
PA NDP D . -12.80 -15.79 5.19
O1A NDP D . -11.85 -16.89 4.83
O2A NDP D . -13.52 -15.83 6.50
O5B NDP D . -13.97 -15.89 4.06
C5B NDP D . -13.61 -15.69 2.69
C4B NDP D . -14.68 -16.27 1.75
O4B NDP D . -14.67 -17.71 1.86
C3B NDP D . -16.11 -15.82 2.09
O3B NDP D . -16.88 -15.65 0.87
C2B NDP D . -16.62 -16.99 2.93
O2B NDP D . -18.04 -16.99 3.02
C1B NDP D . -16.01 -18.18 2.16
N9A NDP D . -15.83 -19.45 2.85
C8A NDP D . -15.71 -19.67 4.21
N7A NDP D . -15.56 -20.96 4.50
C5A NDP D . -15.60 -21.60 3.29
C6A NDP D . -15.49 -22.97 2.89
N6A NDP D . -15.29 -24.00 3.78
N1A NDP D . -15.56 -23.29 1.54
C2A NDP D . -15.73 -22.28 0.63
N3A NDP D . -15.85 -20.94 0.91
C4A NDP D . -15.76 -20.67 2.24
O3 NDP D . -12.21 -14.33 4.87
PN NDP D . -12.81 -12.88 5.25
O1N NDP D . -12.20 -11.72 4.48
O2N NDP D . -14.32 -13.02 5.42
O5D NDP D . -12.24 -12.70 6.76
C5D NDP D . -10.91 -12.22 6.97
C4D NDP D . -10.17 -12.81 8.17
O4D NDP D . -10.53 -11.97 9.27
C3D NDP D . -10.55 -14.25 8.58
O3D NDP D . -9.52 -14.91 9.32
C2D NDP D . -11.81 -14.04 9.39
O2D NDP D . -12.04 -15.14 10.30
C1D NDP D . -11.50 -12.71 10.09
N1N NDP D . -12.71 -11.90 10.35
C2N NDP D . -13.24 -11.89 11.67
C3N NDP D . -14.36 -11.17 12.04
C7N NDP D . -14.84 -11.21 13.47
O7N NDP D . -14.28 -11.88 14.37
N7N NDP D . -15.95 -10.47 13.78
C4N NDP D . -15.08 -10.33 10.97
C5N NDP D . -14.46 -10.39 9.57
C6N NDP D . -13.35 -11.14 9.35
P2B NDP D . -18.75 -16.41 4.35
O1X NDP D . -19.44 -15.12 3.98
O2X NDP D . -19.72 -17.54 4.59
O3X NDP D . -17.76 -16.21 5.48
P PO4 E . 2.19 16.32 0.16
O1 PO4 E . 2.88 14.96 0.23
O2 PO4 E . 2.35 17.20 1.46
O3 PO4 E . 2.77 17.16 -1.04
O4 PO4 E . 0.69 16.10 -0.14
P PO4 F . 7.77 0.79 21.65
O1 PO4 F . 7.70 -0.78 21.80
O2 PO4 F . 7.42 1.51 22.99
O3 PO4 F . 9.22 1.24 21.19
O4 PO4 F . 6.68 1.26 20.64
N1 FMN G . 3.32 15.08 -3.40
C2 FMN G . 2.85 16.20 -3.98
O2 FMN G . 3.72 17.08 -4.50
N3 FMN G . 1.53 16.46 -4.03
C4 FMN G . 0.65 15.64 -3.43
O4 FMN G . -0.67 15.92 -3.50
C4A FMN G . 1.11 14.45 -2.83
N5 FMN G . 0.22 13.53 -2.27
C5A FMN G . 0.68 12.26 -1.88
C6 FMN G . -0.24 11.26 -1.57
C7 FMN G . 0.22 9.99 -1.19
C7M FMN G . -0.82 8.90 -0.84
C8 FMN G . 1.60 9.71 -1.22
C8M FMN G . 2.12 8.30 -0.82
C9 FMN G . 2.52 10.71 -1.55
C9A FMN G . 2.07 11.98 -1.87
N10 FMN G . 2.98 12.99 -2.26
C10 FMN G . 2.48 14.19 -2.83
C1' FMN G . 4.41 12.65 -2.50
C2' FMN G . 5.31 12.91 -1.28
O2' FMN G . 5.25 13.96 -0.61
C3' FMN G . 6.46 11.91 -1.07
O3' FMN G . 6.12 10.53 -1.37
C4' FMN G . 7.22 12.02 0.27
O4' FMN G . 7.68 13.37 0.42
C5' FMN G . 8.44 11.09 0.23
O5' FMN G . 9.31 11.51 -0.84
P FMN G . 9.75 10.48 -2.00
O1P FMN G . 8.45 9.81 -2.55
O2P FMN G . 10.44 11.38 -3.11
O3P FMN G . 10.69 9.47 -1.45
P PO4 H . -8.85 -13.27 3.87
O1 PO4 H . -8.37 -14.71 4.30
O2 PO4 H . -8.82 -12.39 5.15
O3 PO4 H . -7.99 -12.56 2.85
O4 PO4 H . -10.32 -13.40 3.36
#